data_8F6O
#
_entry.id   8F6O
#
_cell.length_a   68.950
_cell.length_b   88.060
_cell.length_c   233.500
_cell.angle_alpha   90.00
_cell.angle_beta   90.00
_cell.angle_gamma   90.00
#
_symmetry.space_group_name_H-M   'C 2 2 21'
#
loop_
_entity.id
_entity.type
_entity.pdbx_description
1 polymer 'h22B3 Fab heavy chain'
2 polymer 'h22B3 Fab light chain'
3 polymer 'B- and T-lymphocyte attenuator'
4 water water
#
loop_
_entity_poly.entity_id
_entity_poly.type
_entity_poly.pdbx_seq_one_letter_code
_entity_poly.pdbx_strand_id
1 'polypeptide(L)'
;(PCA)VQLVQSGAEVKKPGASVKVSCKASGFSLSSYGVSWVRQAPGQGLEWMGAISYDGITYYASWAKSRVTMTRDTSTS
TVYMELSSLRSEDTAVYYCARGDYYDDYVYVYALDIWGQGTLVTVSSASTKGPSVFPLAPCSRSTSESTAALGCLVKDYF
PEPVTVSWNSGALTSGVHTFPAVLQSSGLYSLSSVVTVPSSSLGTKTYTCNVDHKPSNTKVDKRVESKYGHHHHHH
;
A
2 'polypeptide(L)'
;EIVLTQSPGTLSLSPGERATLSCQASQSISTALAWYQQKPGQAPRLLIYAASTLASGIPDRFSGSGSGTDFTLTISRLEP
EDFAVYYCQQGYSSSNLDNVFGGGTKVEIKRTVAAPSVFIFPPSDEQLKSGTASVVCLLNNFYPREAKVQWKVDNALQSG
NSQESVTEQDSKDSTYSLSSTLTLSKADYEKHKVYACEVTHQGLSSPVTKSFNRGEC
;
B
3 'polypeptide(L)'
;KESCDVQLYIKRQSEHSILAGDPFELECPVKYCANRPHVTWCKLNGTTCVKLEDRQTSWKEEKNISFFILHFEPVLPNDN
GSYRCSANFQSNLIESHSTTLYVTDVKSASERPSKDEMASEFHHHHHHHH
;
C
#
# COMPACT_ATOMS: atom_id res chain seq x y z
N VAL A 2 11.85 -16.21 11.71
CA VAL A 2 11.55 -14.83 12.10
C VAL A 2 10.35 -14.38 11.24
N GLN A 3 9.20 -14.20 11.90
CA GLN A 3 7.92 -13.92 11.26
C GLN A 3 7.03 -12.95 12.10
N LEU A 4 6.08 -12.26 11.41
CA LEU A 4 5.06 -11.38 11.99
C LEU A 4 3.73 -11.89 11.44
N VAL A 5 2.82 -12.30 12.34
CA VAL A 5 1.52 -12.85 11.94
C VAL A 5 0.41 -11.98 12.48
N GLN A 6 -0.43 -11.49 11.61
CA GLN A 6 -1.54 -10.64 11.98
C GLN A 6 -2.87 -11.37 12.06
N SER A 7 -3.84 -10.72 12.70
CA SER A 7 -5.23 -11.15 12.88
C SER A 7 -6.01 -11.19 11.55
N GLY A 8 -7.19 -11.80 11.58
CA GLY A 8 -8.04 -11.95 10.40
C GLY A 8 -8.69 -10.66 9.94
N ALA A 9 -9.25 -10.65 8.73
CA ALA A 9 -9.96 -9.49 8.16
C ALA A 9 -11.12 -9.01 9.08
N GLU A 10 -11.44 -7.71 8.98
CA GLU A 10 -12.48 -7.09 9.80
C GLU A 10 -13.44 -6.30 8.94
N VAL A 11 -14.71 -6.32 9.33
CA VAL A 11 -15.76 -5.56 8.65
C VAL A 11 -16.41 -4.69 9.73
N LYS A 12 -16.39 -3.36 9.53
CA LYS A 12 -16.84 -2.41 10.57
C LYS A 12 -17.80 -1.36 10.08
N LYS A 13 -18.68 -0.90 10.99
CA LYS A 13 -19.63 0.18 10.73
C LYS A 13 -18.96 1.53 10.97
N PRO A 14 -19.41 2.62 10.36
CA PRO A 14 -18.74 3.91 10.66
C PRO A 14 -19.04 4.34 12.11
N GLY A 15 -18.02 4.85 12.80
CA GLY A 15 -18.08 5.29 14.19
C GLY A 15 -17.74 4.20 15.18
N ALA A 16 -17.42 3.01 14.66
CA ALA A 16 -17.03 1.86 15.45
C ALA A 16 -15.50 1.88 15.60
N SER A 17 -14.92 0.86 16.27
CA SER A 17 -13.46 0.72 16.47
C SER A 17 -12.98 -0.62 15.95
N VAL A 18 -11.68 -0.73 15.64
CA VAL A 18 -11.04 -1.98 15.22
C VAL A 18 -9.69 -2.18 15.97
N LYS A 19 -9.45 -3.40 16.49
CA LYS A 19 -8.19 -3.71 17.16
C LYS A 19 -7.48 -4.82 16.41
N VAL A 20 -6.36 -4.47 15.77
CA VAL A 20 -5.55 -5.39 15.00
C VAL A 20 -4.35 -5.90 15.83
N SER A 21 -4.15 -7.21 15.83
CA SER A 21 -3.04 -7.82 16.54
C SER A 21 -1.97 -8.26 15.54
N CYS A 22 -0.75 -8.42 16.04
CA CYS A 22 0.40 -8.75 15.25
C CYS A 22 1.40 -9.52 16.15
N LYS A 23 1.50 -10.83 15.93
CA LYS A 23 2.32 -11.77 16.69
C LYS A 23 3.70 -11.96 16.11
N ALA A 24 4.71 -11.75 16.95
CA ALA A 24 6.11 -11.92 16.61
C ALA A 24 6.58 -13.33 16.97
N SER A 25 7.30 -13.97 16.03
CA SER A 25 7.88 -15.30 16.25
C SER A 25 9.34 -15.28 15.77
N GLY A 26 10.21 -15.98 16.49
CA GLY A 26 11.63 -16.05 16.19
C GLY A 26 12.49 -14.96 16.80
N PHE A 27 11.86 -13.93 17.39
CA PHE A 27 12.60 -12.80 17.97
C PHE A 27 11.93 -12.19 19.22
N SER A 28 12.59 -11.16 19.79
CA SER A 28 12.15 -10.43 20.98
C SER A 28 11.64 -9.03 20.66
N LEU A 29 10.42 -8.74 21.12
CA LEU A 29 9.71 -7.48 20.99
C LEU A 29 10.43 -6.35 21.74
N SER A 30 11.10 -6.66 22.88
CA SER A 30 11.86 -5.69 23.69
C SER A 30 13.18 -5.24 23.03
N SER A 31 13.51 -5.79 21.83
CA SER A 31 14.71 -5.44 21.07
C SER A 31 14.35 -4.68 19.78
N TYR A 32 13.11 -4.82 19.31
CA TYR A 32 12.63 -4.25 18.05
C TYR A 32 11.39 -3.41 18.25
N GLY A 33 11.22 -2.44 17.37
CA GLY A 33 10.02 -1.63 17.30
C GLY A 33 9.05 -2.26 16.33
N VAL A 34 7.79 -1.79 16.30
CA VAL A 34 6.79 -2.26 15.31
C VAL A 34 6.04 -1.07 14.79
N SER A 35 6.10 -0.85 13.47
CA SER A 35 5.41 0.21 12.75
C SER A 35 4.14 -0.32 12.09
N TRP A 36 3.12 0.54 11.98
CA TRP A 36 1.85 0.25 11.32
C TRP A 36 1.75 1.09 10.07
N VAL A 37 1.43 0.43 8.97
CA VAL A 37 1.35 1.02 7.65
C VAL A 37 0.09 0.47 7.00
N ARG A 38 -0.81 1.38 6.61
CA ARG A 38 -2.04 1.03 5.89
C ARG A 38 -1.96 1.37 4.38
N GLN A 39 -2.69 0.61 3.56
CA GLN A 39 -2.75 0.83 2.12
C GLN A 39 -4.19 0.67 1.60
N ALA A 40 -4.76 1.76 1.04
CA ALA A 40 -6.11 1.79 0.46
C ALA A 40 -6.07 1.07 -0.91
N PRO A 41 -7.21 0.50 -1.42
CA PRO A 41 -7.15 -0.16 -2.74
C PRO A 41 -6.59 0.78 -3.83
N GLY A 42 -5.57 0.29 -4.52
CA GLY A 42 -4.84 0.99 -5.58
C GLY A 42 -4.06 2.23 -5.15
N GLN A 43 -3.95 2.48 -3.82
CA GLN A 43 -3.23 3.67 -3.36
C GLN A 43 -1.82 3.33 -2.83
N GLY A 44 -1.10 4.34 -2.39
CA GLY A 44 0.25 4.21 -1.84
C GLY A 44 0.26 3.85 -0.37
N LEU A 45 1.47 3.68 0.16
CA LEU A 45 1.76 3.30 1.54
C LEU A 45 1.59 4.51 2.48
N GLU A 46 0.92 4.30 3.62
CA GLU A 46 0.58 5.35 4.61
C GLU A 46 0.87 4.88 6.04
N TRP A 47 1.95 5.40 6.60
CA TRP A 47 2.46 5.16 7.94
C TRP A 47 1.45 5.75 8.90
N MET A 48 1.14 4.97 9.96
CA MET A 48 0.20 5.36 11.00
C MET A 48 0.95 5.70 12.27
N GLY A 49 2.06 5.03 12.47
CA GLY A 49 2.87 5.21 13.66
C GLY A 49 3.57 3.95 14.05
N ALA A 50 4.19 3.97 15.23
CA ALA A 50 4.98 2.86 15.76
C ALA A 50 5.09 2.94 17.25
N ILE A 51 5.42 1.79 17.86
CA ILE A 51 5.81 1.57 19.26
C ILE A 51 7.27 1.04 19.14
N SER A 52 8.29 1.87 19.49
CA SER A 52 9.72 1.48 19.45
C SER A 52 10.10 0.33 20.39
N TYR A 53 11.42 0.00 20.44
CA TYR A 53 11.97 -1.05 21.29
C TYR A 53 11.84 -0.73 22.78
N ASP A 54 11.96 0.59 23.12
CA ASP A 54 11.89 1.10 24.49
C ASP A 54 10.48 1.48 24.95
N GLY A 55 9.48 1.07 24.18
CA GLY A 55 8.06 1.24 24.47
C GLY A 55 7.40 2.55 24.12
N ILE A 56 8.14 3.50 23.54
CA ILE A 56 7.63 4.83 23.17
C ILE A 56 6.83 4.75 21.88
N THR A 57 5.65 5.42 21.86
CA THR A 57 4.76 5.47 20.70
C THR A 57 4.88 6.77 19.91
N TYR A 58 4.80 6.64 18.59
CA TYR A 58 4.82 7.74 17.62
C TYR A 58 3.59 7.51 16.77
N TYR A 59 2.91 8.59 16.40
CA TYR A 59 1.70 8.56 15.59
C TYR A 59 1.79 9.54 14.46
N ALA A 60 1.25 9.18 13.28
CA ALA A 60 1.17 10.11 12.15
C ALA A 60 0.27 11.29 12.62
N SER A 61 0.56 12.51 12.15
CA SER A 61 -0.19 13.70 12.60
C SER A 61 -1.70 13.61 12.34
N TRP A 62 -2.12 12.88 11.31
CA TRP A 62 -3.54 12.67 11.01
C TRP A 62 -4.19 11.58 11.90
N ALA A 63 -3.38 10.64 12.42
CA ALA A 63 -3.87 9.48 13.17
C ALA A 63 -3.82 9.60 14.71
N LYS A 64 -3.07 10.59 15.25
CA LYS A 64 -2.88 10.81 16.69
C LYS A 64 -4.18 10.80 17.51
N SER A 65 -5.26 11.41 16.97
CA SER A 65 -6.55 11.51 17.68
C SER A 65 -7.38 10.21 17.77
N ARG A 66 -7.25 9.26 16.78
CA ARG A 66 -8.04 8.00 16.81
C ARG A 66 -7.22 6.73 16.90
N VAL A 67 -5.87 6.80 16.84
CA VAL A 67 -5.03 5.60 16.89
C VAL A 67 -4.31 5.44 18.26
N THR A 68 -4.28 4.17 18.73
CA THR A 68 -3.62 3.70 19.95
C THR A 68 -2.74 2.50 19.53
N MET A 69 -1.49 2.41 20.03
CA MET A 69 -0.57 1.29 19.78
C MET A 69 -0.04 0.73 21.07
N THR A 70 -0.25 -0.57 21.31
CA THR A 70 0.26 -1.25 22.52
C THR A 70 1.15 -2.45 22.18
N ARG A 71 1.70 -3.07 23.23
CA ARG A 71 2.52 -4.27 23.16
C ARG A 71 2.44 -5.05 24.47
N ASP A 72 2.42 -6.38 24.37
CA ASP A 72 2.39 -7.27 25.52
C ASP A 72 3.64 -8.09 25.33
N THR A 73 4.75 -7.66 25.95
CA THR A 73 6.07 -8.30 25.82
C THR A 73 6.13 -9.73 26.31
N SER A 74 5.15 -10.17 27.11
CA SER A 74 5.13 -11.54 27.61
C SER A 74 4.51 -12.46 26.57
N THR A 75 3.41 -11.99 25.94
CA THR A 75 2.68 -12.70 24.88
C THR A 75 3.31 -12.45 23.50
N SER A 76 4.27 -11.49 23.43
CA SER A 76 4.99 -10.95 22.27
C SER A 76 4.01 -10.66 21.09
N THR A 77 2.98 -9.86 21.41
CA THR A 77 1.93 -9.38 20.50
C THR A 77 1.79 -7.85 20.61
N VAL A 78 1.81 -7.18 19.44
CA VAL A 78 1.58 -5.74 19.28
C VAL A 78 0.18 -5.55 18.71
N TYR A 79 -0.44 -4.42 19.09
CA TYR A 79 -1.81 -4.11 18.72
C TYR A 79 -1.87 -2.73 18.17
N MET A 80 -2.97 -2.45 17.48
CA MET A 80 -3.29 -1.19 16.87
C MET A 80 -4.80 -1.11 16.96
N GLU A 81 -5.29 -0.03 17.54
CA GLU A 81 -6.69 0.25 17.68
C GLU A 81 -6.92 1.54 16.94
N LEU A 82 -7.86 1.52 16.00
CA LEU A 82 -8.25 2.68 15.24
C LEU A 82 -9.72 2.85 15.55
N SER A 83 -10.05 3.97 16.22
CA SER A 83 -11.41 4.24 16.67
C SER A 83 -12.13 5.22 15.79
N SER A 84 -13.46 5.39 16.01
CA SER A 84 -14.36 6.30 15.28
C SER A 84 -14.07 6.15 13.79
N LEU A 85 -14.23 4.92 13.30
CA LEU A 85 -13.88 4.53 11.93
C LEU A 85 -14.74 5.18 10.88
N ARG A 86 -14.14 5.57 9.73
CA ARG A 86 -14.85 6.17 8.60
C ARG A 86 -14.66 5.30 7.37
N SER A 87 -15.58 5.41 6.39
CA SER A 87 -15.44 4.56 5.18
C SER A 87 -14.04 4.69 4.52
N GLU A 88 -13.46 5.92 4.57
CA GLU A 88 -12.18 6.27 3.99
C GLU A 88 -10.98 5.59 4.70
N ASP A 89 -11.25 4.83 5.77
CA ASP A 89 -10.30 4.04 6.53
C ASP A 89 -10.15 2.61 5.93
N THR A 90 -11.03 2.21 4.97
CA THR A 90 -10.99 0.86 4.32
C THR A 90 -9.59 0.72 3.72
N ALA A 91 -8.88 -0.34 4.09
CA ALA A 91 -7.50 -0.54 3.67
C ALA A 91 -6.96 -1.86 4.12
N VAL A 92 -5.73 -2.15 3.67
CA VAL A 92 -4.98 -3.31 4.17
C VAL A 92 -3.97 -2.70 5.15
N TYR A 93 -4.05 -3.14 6.41
CA TYR A 93 -3.20 -2.71 7.52
C TYR A 93 -2.09 -3.73 7.77
N TYR A 94 -0.84 -3.25 7.75
CA TYR A 94 0.37 -4.07 7.97
C TYR A 94 1.12 -3.61 9.18
N CYS A 95 1.66 -4.58 9.91
CA CYS A 95 2.62 -4.33 10.97
C CYS A 95 3.98 -4.71 10.38
N ALA A 96 4.99 -3.89 10.62
CA ALA A 96 6.34 -4.13 10.12
C ALA A 96 7.30 -3.92 11.27
N ARG A 97 8.24 -4.87 11.41
CA ARG A 97 9.29 -4.88 12.43
C ARG A 97 10.30 -3.77 12.12
N GLY A 98 10.57 -2.93 13.11
CA GLY A 98 11.53 -1.85 13.00
C GLY A 98 12.89 -2.30 13.48
N ASP A 99 13.84 -2.32 12.57
CA ASP A 99 15.21 -2.71 12.86
C ASP A 99 16.10 -1.46 13.02
N TYR A 100 16.49 -1.19 14.27
CA TYR A 100 17.40 -0.10 14.65
C TYR A 100 18.84 -0.65 14.48
N TYR A 101 19.23 -0.83 13.21
CA TYR A 101 20.47 -1.42 12.75
C TYR A 101 21.74 -0.76 13.31
N ASP A 102 21.66 0.56 13.59
CA ASP A 102 22.76 1.35 14.13
C ASP A 102 22.78 1.39 15.68
N ASP A 103 23.96 1.12 16.26
CA ASP A 103 24.14 1.06 17.71
C ASP A 103 24.36 2.44 18.37
N TYR A 104 24.66 3.51 17.61
CA TYR A 104 24.85 4.86 18.17
C TYR A 104 23.77 5.85 17.72
N VAL A 105 23.22 5.64 16.52
CA VAL A 105 22.21 6.50 15.91
C VAL A 105 20.82 5.83 15.99
N TYR A 106 19.80 6.59 16.44
CA TYR A 106 18.41 6.13 16.60
C TYR A 106 17.67 6.29 15.29
N VAL A 107 17.89 5.28 14.41
CA VAL A 107 17.39 5.15 13.04
C VAL A 107 16.90 3.73 12.77
N TYR A 108 15.92 3.55 11.88
CA TYR A 108 15.35 2.25 11.56
C TYR A 108 14.89 2.09 10.12
N ALA A 109 14.63 0.83 9.78
CA ALA A 109 14.09 0.32 8.54
C ALA A 109 13.22 -0.83 8.98
N LEU A 110 12.29 -1.24 8.15
CA LEU A 110 11.35 -2.31 8.45
C LEU A 110 11.65 -3.54 7.60
N ASP A 111 12.28 -4.54 8.23
CA ASP A 111 12.80 -5.73 7.57
C ASP A 111 11.80 -6.87 7.42
N ILE A 112 11.05 -7.20 8.48
CA ILE A 112 10.04 -8.26 8.42
C ILE A 112 8.64 -7.62 8.46
N TRP A 113 7.81 -7.98 7.47
CA TRP A 113 6.44 -7.48 7.33
C TRP A 113 5.40 -8.58 7.58
N GLY A 114 4.28 -8.17 8.18
CA GLY A 114 3.12 -9.03 8.40
C GLY A 114 2.43 -9.27 7.07
N GLN A 115 1.55 -10.28 7.00
CA GLN A 115 0.85 -10.61 5.77
C GLN A 115 -0.34 -9.66 5.43
N GLY A 116 -0.59 -8.67 6.27
CA GLY A 116 -1.65 -7.69 6.06
C GLY A 116 -2.98 -8.09 6.64
N THR A 117 -3.79 -7.07 6.97
CA THR A 117 -5.12 -7.29 7.56
C THR A 117 -6.06 -6.34 6.87
N LEU A 118 -7.02 -6.91 6.18
CA LEU A 118 -8.01 -6.10 5.49
C LEU A 118 -9.10 -5.69 6.45
N VAL A 119 -9.27 -4.35 6.62
CA VAL A 119 -10.32 -3.79 7.45
C VAL A 119 -11.25 -3.05 6.50
N THR A 120 -12.52 -3.45 6.41
CA THR A 120 -13.51 -2.75 5.56
C THR A 120 -14.40 -1.88 6.45
N VAL A 121 -14.54 -0.61 6.10
CA VAL A 121 -15.41 0.24 6.87
C VAL A 121 -16.57 0.66 5.95
N SER A 122 -17.82 0.34 6.33
CA SER A 122 -18.99 0.72 5.51
C SER A 122 -20.25 0.62 6.32
N SER A 123 -21.32 1.32 5.91
CA SER A 123 -22.66 1.20 6.51
C SER A 123 -23.40 -0.04 5.97
N ALA A 124 -22.86 -0.68 4.92
CA ALA A 124 -23.36 -1.89 4.26
C ALA A 124 -23.11 -3.13 5.09
N SER A 125 -23.91 -4.18 4.89
CA SER A 125 -23.89 -5.48 5.57
C SER A 125 -23.49 -6.62 4.58
N THR A 126 -23.08 -7.80 5.11
CA THR A 126 -22.59 -8.90 4.28
C THR A 126 -23.65 -9.41 3.31
N LYS A 127 -23.32 -9.34 2.00
CA LYS A 127 -24.17 -9.72 0.90
C LYS A 127 -23.38 -10.47 -0.16
N GLY A 128 -23.81 -11.69 -0.47
CA GLY A 128 -23.22 -12.52 -1.51
C GLY A 128 -23.51 -11.94 -2.89
N PRO A 129 -22.70 -12.25 -3.90
CA PRO A 129 -22.99 -11.67 -5.22
C PRO A 129 -24.05 -12.42 -5.99
N SER A 130 -24.62 -11.68 -6.95
CA SER A 130 -25.53 -12.07 -8.00
C SER A 130 -24.60 -12.22 -9.21
N VAL A 131 -24.67 -13.33 -9.94
CA VAL A 131 -23.73 -13.55 -11.02
C VAL A 131 -24.50 -13.59 -12.32
N PHE A 132 -24.17 -12.64 -13.19
CA PHE A 132 -24.82 -12.46 -14.49
C PHE A 132 -23.89 -12.86 -15.61
N PRO A 133 -24.41 -13.54 -16.65
CA PRO A 133 -23.55 -13.92 -17.76
C PRO A 133 -23.22 -12.75 -18.69
N LEU A 134 -21.98 -12.69 -19.16
CA LEU A 134 -21.64 -11.68 -20.19
C LEU A 134 -21.44 -12.37 -21.52
N ALA A 135 -22.43 -12.27 -22.40
CA ALA A 135 -22.38 -12.86 -23.72
C ALA A 135 -22.71 -11.77 -24.69
N PRO A 136 -21.95 -11.68 -25.83
CA PRO A 136 -22.26 -10.62 -26.81
C PRO A 136 -23.58 -10.84 -27.52
N CYS A 137 -24.21 -9.74 -27.97
CA CYS A 137 -25.48 -9.71 -28.70
C CYS A 137 -25.25 -10.39 -30.07
N SER A 138 -24.07 -10.13 -30.64
CA SER A 138 -23.60 -10.70 -31.88
C SER A 138 -22.06 -10.77 -31.98
N ARG A 139 -21.63 -11.67 -32.87
CA ARG A 139 -20.25 -11.94 -33.26
C ARG A 139 -20.21 -11.76 -34.78
N SER A 140 -19.01 -11.60 -35.31
CA SER A 140 -18.80 -11.58 -36.76
C SER A 140 -18.41 -13.03 -37.06
N THR A 141 -19.02 -13.63 -38.09
CA THR A 141 -18.76 -15.05 -38.48
C THR A 141 -17.29 -15.30 -38.89
N SER A 142 -16.53 -14.24 -39.20
CA SER A 142 -15.13 -14.33 -39.60
C SER A 142 -14.10 -14.19 -38.47
N GLU A 143 -14.56 -13.97 -37.22
CA GLU A 143 -13.71 -13.78 -36.06
C GLU A 143 -13.33 -15.10 -35.46
N SER A 144 -12.02 -15.39 -35.34
CA SER A 144 -11.48 -16.64 -34.78
C SER A 144 -11.66 -16.72 -33.27
N THR A 145 -11.65 -15.56 -32.61
CA THR A 145 -11.74 -15.41 -31.16
C THR A 145 -13.02 -14.72 -30.75
N ALA A 146 -13.58 -15.27 -29.67
CA ALA A 146 -14.84 -14.89 -29.08
C ALA A 146 -14.59 -14.53 -27.63
N ALA A 147 -15.39 -13.61 -27.09
CA ALA A 147 -15.30 -13.23 -25.69
C ALA A 147 -16.55 -13.55 -24.91
N LEU A 148 -16.34 -13.94 -23.66
CA LEU A 148 -17.44 -14.17 -22.76
C LEU A 148 -17.02 -13.85 -21.33
N GLY A 149 -17.98 -13.66 -20.47
CA GLY A 149 -17.63 -13.38 -19.09
C GLY A 149 -18.76 -13.55 -18.11
N CYS A 150 -18.52 -13.06 -16.89
CA CYS A 150 -19.42 -13.10 -15.72
C CYS A 150 -19.36 -11.78 -15.02
N LEU A 151 -20.52 -11.13 -14.82
CA LEU A 151 -20.62 -9.93 -14.00
C LEU A 151 -21.01 -10.32 -12.56
N VAL A 152 -20.02 -10.29 -11.65
CA VAL A 152 -20.11 -10.59 -10.21
C VAL A 152 -20.46 -9.22 -9.55
N LYS A 153 -21.76 -8.92 -9.54
CA LYS A 153 -22.41 -7.72 -9.08
C LYS A 153 -23.00 -7.73 -7.62
N ASP A 154 -22.81 -6.60 -6.91
CA ASP A 154 -23.39 -6.21 -5.63
C ASP A 154 -23.09 -7.16 -4.49
N TYR A 155 -21.81 -7.31 -4.18
CA TYR A 155 -21.38 -8.12 -3.07
C TYR A 155 -20.70 -7.24 -1.98
N PHE A 156 -20.70 -7.73 -0.75
CA PHE A 156 -20.07 -7.04 0.35
C PHE A 156 -19.71 -8.01 1.49
N PRO A 157 -18.46 -7.95 2.00
CA PRO A 157 -17.33 -7.13 1.54
C PRO A 157 -16.48 -7.84 0.48
N GLU A 158 -15.27 -7.32 0.26
CA GLU A 158 -14.21 -7.87 -0.57
C GLU A 158 -13.52 -8.95 0.28
N PRO A 159 -12.91 -9.99 -0.33
CA PRO A 159 -12.81 -10.29 -1.76
C PRO A 159 -13.81 -11.38 -2.25
N VAL A 160 -13.77 -11.65 -3.57
CA VAL A 160 -14.39 -12.77 -4.31
C VAL A 160 -13.29 -13.39 -5.16
N THR A 161 -13.31 -14.70 -5.33
CA THR A 161 -12.42 -15.36 -6.28
C THR A 161 -13.25 -15.81 -7.48
N VAL A 162 -12.65 -15.80 -8.68
CA VAL A 162 -13.33 -16.25 -9.90
C VAL A 162 -12.38 -17.17 -10.65
N SER A 163 -12.92 -18.29 -11.16
CA SER A 163 -12.20 -19.28 -11.96
C SER A 163 -13.17 -19.74 -13.01
N TRP A 164 -12.62 -20.40 -14.03
CA TRP A 164 -13.34 -20.87 -15.21
C TRP A 164 -13.14 -22.34 -15.33
N ASN A 165 -14.24 -23.08 -15.45
CA ASN A 165 -14.28 -24.55 -15.60
C ASN A 165 -13.42 -25.24 -14.50
N SER A 166 -13.71 -24.90 -13.22
CA SER A 166 -13.10 -25.36 -11.96
C SER A 166 -11.55 -25.23 -11.89
N GLY A 167 -10.99 -24.28 -12.67
CA GLY A 167 -9.56 -23.94 -12.70
C GLY A 167 -8.77 -24.50 -13.86
N ALA A 168 -9.44 -25.18 -14.79
CA ALA A 168 -8.85 -25.84 -15.96
C ALA A 168 -8.59 -24.83 -17.10
N LEU A 169 -9.51 -23.89 -17.29
CA LEU A 169 -9.40 -22.80 -18.25
C LEU A 169 -8.75 -21.60 -17.52
N THR A 170 -7.49 -21.30 -17.88
CA THR A 170 -6.73 -20.22 -17.25
C THR A 170 -6.25 -19.21 -18.27
N SER A 171 -5.94 -19.67 -19.50
CA SER A 171 -5.43 -18.83 -20.57
C SER A 171 -6.48 -17.88 -21.12
N GLY A 172 -6.04 -16.64 -21.34
CA GLY A 172 -6.87 -15.53 -21.81
C GLY A 172 -7.93 -15.05 -20.84
N VAL A 173 -7.84 -15.45 -19.57
CA VAL A 173 -8.79 -15.06 -18.52
C VAL A 173 -8.29 -13.75 -17.94
N HIS A 174 -9.21 -12.77 -17.81
CA HIS A 174 -8.94 -11.52 -17.11
C HIS A 174 -10.00 -11.33 -16.01
N THR A 175 -9.58 -11.39 -14.73
CA THR A 175 -10.48 -11.09 -13.61
C THR A 175 -10.13 -9.67 -13.25
N PHE A 176 -11.14 -8.79 -13.24
CA PHE A 176 -10.90 -7.38 -12.99
C PHE A 176 -10.96 -7.01 -11.54
N PRO A 177 -10.14 -6.00 -11.13
CA PRO A 177 -10.26 -5.47 -9.76
C PRO A 177 -11.71 -5.01 -9.56
N ALA A 178 -12.27 -5.22 -8.36
CA ALA A 178 -13.65 -4.80 -8.12
C ALA A 178 -13.76 -3.30 -8.04
N VAL A 179 -14.97 -2.77 -8.31
CA VAL A 179 -15.25 -1.36 -8.17
C VAL A 179 -16.20 -1.22 -6.99
N LEU A 180 -16.04 -0.12 -6.21
CA LEU A 180 -16.99 0.23 -5.19
C LEU A 180 -17.99 1.18 -5.79
N GLN A 181 -19.26 0.76 -5.77
CA GLN A 181 -20.43 1.47 -6.27
C GLN A 181 -20.93 2.51 -5.31
N SER A 182 -21.80 3.42 -5.79
CA SER A 182 -22.43 4.48 -4.99
C SER A 182 -23.31 3.88 -3.87
N SER A 183 -23.79 2.67 -4.10
CA SER A 183 -24.63 1.89 -3.22
C SER A 183 -23.84 1.18 -2.11
N GLY A 184 -22.51 1.23 -2.15
CA GLY A 184 -21.65 0.58 -1.16
C GLY A 184 -21.35 -0.90 -1.38
N LEU A 185 -21.92 -1.49 -2.41
CA LEU A 185 -21.68 -2.88 -2.79
C LEU A 185 -20.59 -2.95 -3.86
N TYR A 186 -19.77 -4.00 -3.82
CA TYR A 186 -18.69 -4.18 -4.83
C TYR A 186 -19.20 -4.86 -6.08
N SER A 187 -18.53 -4.60 -7.24
CA SER A 187 -18.87 -5.22 -8.52
CA SER A 187 -18.88 -5.22 -8.51
C SER A 187 -17.65 -5.50 -9.36
N LEU A 188 -17.57 -6.69 -9.97
CA LEU A 188 -16.46 -7.03 -10.84
C LEU A 188 -16.88 -7.90 -12.03
N SER A 189 -16.03 -7.91 -13.07
CA SER A 189 -16.15 -8.74 -14.25
C SER A 189 -14.93 -9.61 -14.30
N SER A 190 -15.14 -10.83 -14.79
CA SER A 190 -14.16 -11.84 -15.12
C SER A 190 -14.50 -12.21 -16.57
N VAL A 191 -13.51 -12.14 -17.45
CA VAL A 191 -13.66 -12.41 -18.89
C VAL A 191 -12.71 -13.47 -19.39
N VAL A 192 -13.09 -14.15 -20.46
CA VAL A 192 -12.19 -15.09 -21.13
C VAL A 192 -12.34 -14.94 -22.64
N THR A 193 -11.22 -15.07 -23.39
CA THR A 193 -11.26 -15.14 -24.86
C THR A 193 -11.04 -16.57 -25.24
N VAL A 194 -11.94 -17.07 -26.06
CA VAL A 194 -11.92 -18.47 -26.47
C VAL A 194 -11.96 -18.61 -28.02
N PRO A 195 -11.59 -19.79 -28.60
CA PRO A 195 -11.74 -19.94 -30.05
C PRO A 195 -13.26 -19.99 -30.31
N SER A 196 -13.75 -19.20 -31.28
CA SER A 196 -15.19 -19.19 -31.54
C SER A 196 -15.68 -20.49 -32.20
N SER A 197 -14.74 -21.35 -32.62
CA SER A 197 -15.04 -22.66 -33.21
C SER A 197 -15.42 -23.64 -32.09
N SER A 198 -15.16 -23.27 -30.83
CA SER A 198 -15.49 -24.10 -29.67
C SER A 198 -16.91 -23.84 -29.11
N LEU A 199 -17.44 -22.64 -29.31
CA LEU A 199 -18.71 -22.12 -28.78
C LEU A 199 -19.91 -23.10 -28.75
N GLY A 200 -20.04 -23.96 -29.76
CA GLY A 200 -21.13 -24.93 -29.80
C GLY A 200 -20.86 -26.28 -29.16
N THR A 201 -19.56 -26.63 -28.94
CA THR A 201 -19.15 -27.92 -28.40
C THR A 201 -18.45 -27.85 -27.02
N LYS A 202 -18.00 -26.64 -26.59
CA LYS A 202 -17.31 -26.44 -25.30
C LYS A 202 -18.12 -25.56 -24.32
N THR A 203 -18.26 -26.03 -23.07
CA THR A 203 -18.97 -25.27 -22.04
C THR A 203 -18.03 -24.33 -21.30
N TYR A 204 -18.54 -23.15 -21.00
CA TYR A 204 -17.81 -22.11 -20.27
C TYR A 204 -18.62 -21.69 -19.06
N THR A 205 -18.09 -22.07 -17.91
CA THR A 205 -18.70 -21.90 -16.58
C THR A 205 -17.71 -21.20 -15.64
N CYS A 206 -18.13 -20.06 -15.06
CA CYS A 206 -17.32 -19.34 -14.05
C CYS A 206 -17.76 -19.82 -12.68
N ASN A 207 -16.79 -20.07 -11.80
CA ASN A 207 -16.95 -20.48 -10.43
C ASN A 207 -16.66 -19.26 -9.51
N VAL A 208 -17.71 -18.65 -8.98
CA VAL A 208 -17.56 -17.51 -8.09
C VAL A 208 -17.61 -17.91 -6.57
N ASP A 209 -16.53 -17.59 -5.82
CA ASP A 209 -16.45 -17.86 -4.39
C ASP A 209 -16.44 -16.55 -3.58
N HIS A 210 -17.37 -16.41 -2.66
CA HIS A 210 -17.45 -15.24 -1.77
C HIS A 210 -17.45 -15.73 -0.36
N LYS A 211 -16.25 -16.04 0.17
CA LYS A 211 -16.05 -16.57 1.52
C LYS A 211 -16.81 -15.80 2.62
N PRO A 212 -16.81 -14.42 2.68
CA PRO A 212 -17.53 -13.74 3.78
C PRO A 212 -19.01 -14.06 3.92
N SER A 213 -19.72 -14.23 2.81
CA SER A 213 -21.15 -14.57 2.90
C SER A 213 -21.40 -16.09 2.76
N ASN A 214 -20.32 -16.91 2.71
CA ASN A 214 -20.39 -18.35 2.49
C ASN A 214 -21.22 -18.68 1.17
N THR A 215 -20.89 -17.94 0.08
CA THR A 215 -21.57 -18.05 -1.21
C THR A 215 -20.63 -18.63 -2.29
N LYS A 216 -21.11 -19.64 -2.99
CA LYS A 216 -20.41 -20.26 -4.13
C LYS A 216 -21.45 -20.39 -5.22
N VAL A 217 -21.13 -19.79 -6.41
CA VAL A 217 -22.03 -19.76 -7.56
C VAL A 217 -21.31 -20.11 -8.85
N ASP A 218 -21.78 -21.18 -9.54
CA ASP A 218 -21.32 -21.54 -10.87
C ASP A 218 -22.26 -20.85 -11.89
N LYS A 219 -21.70 -20.15 -12.89
CA LYS A 219 -22.53 -19.52 -13.92
C LYS A 219 -22.10 -19.96 -15.31
N ARG A 220 -23.00 -20.71 -15.99
CA ARG A 220 -22.82 -21.17 -17.35
C ARG A 220 -23.09 -20.01 -18.29
N VAL A 221 -22.15 -19.75 -19.23
CA VAL A 221 -22.27 -18.63 -20.19
C VAL A 221 -22.51 -19.17 -21.61
N GLU A 222 -23.71 -18.92 -22.16
CA GLU A 222 -24.08 -19.42 -23.50
C GLU A 222 -23.99 -18.31 -24.53
N SER A 223 -23.72 -18.69 -25.80
CA SER A 223 -23.70 -17.73 -26.90
C SER A 223 -25.05 -17.86 -27.67
N LYS A 224 -25.89 -16.80 -27.59
CA LYS A 224 -27.23 -16.75 -28.18
C LYS A 224 -27.27 -17.14 -29.67
N GLU B 1 7.87 20.19 7.76
CA GLU B 1 8.05 18.77 8.09
C GLU B 1 8.83 18.00 6.98
N ILE B 2 9.25 16.75 7.28
CA ILE B 2 9.99 15.93 6.31
C ILE B 2 9.01 15.32 5.29
N VAL B 3 9.19 15.70 4.02
CA VAL B 3 8.38 15.28 2.89
C VAL B 3 9.26 14.51 1.92
N LEU B 4 8.94 13.23 1.70
CA LEU B 4 9.66 12.40 0.74
C LEU B 4 8.93 12.44 -0.58
N THR B 5 9.64 12.88 -1.64
CA THR B 5 9.13 13.06 -2.99
C THR B 5 9.82 12.13 -3.98
N GLN B 6 9.04 11.20 -4.56
CA GLN B 6 9.53 10.24 -5.54
C GLN B 6 9.33 10.65 -7.03
N SER B 7 10.36 10.40 -7.85
CA SER B 7 10.34 10.69 -9.29
C SER B 7 11.07 9.62 -10.15
N PRO B 8 10.58 9.28 -11.36
CA PRO B 8 9.32 9.74 -11.98
C PRO B 8 8.16 8.99 -11.31
N GLY B 9 6.92 9.30 -11.70
CA GLY B 9 5.75 8.63 -11.15
C GLY B 9 5.70 7.18 -11.61
N THR B 10 6.05 6.99 -12.88
CA THR B 10 6.06 5.68 -13.51
C THR B 10 7.16 5.62 -14.58
N LEU B 11 7.89 4.50 -14.67
CA LEU B 11 8.90 4.39 -15.70
C LEU B 11 8.75 3.12 -16.54
N SER B 12 8.56 3.33 -17.86
CA SER B 12 8.39 2.30 -18.89
C SER B 12 9.74 1.84 -19.42
N LEU B 13 10.25 0.74 -18.85
CA LEU B 13 11.51 0.16 -19.26
C LEU B 13 11.40 -1.30 -19.67
N SER B 14 12.17 -1.68 -20.69
CA SER B 14 12.24 -3.01 -21.25
C SER B 14 13.13 -3.91 -20.37
N PRO B 15 12.89 -5.25 -20.32
CA PRO B 15 13.76 -6.11 -19.49
C PRO B 15 15.22 -6.11 -19.99
N GLY B 16 16.13 -6.39 -19.07
CA GLY B 16 17.56 -6.40 -19.36
C GLY B 16 18.23 -5.07 -19.09
N GLU B 17 17.46 -3.96 -19.28
CA GLU B 17 17.87 -2.55 -19.10
C GLU B 17 18.13 -2.10 -17.64
N ARG B 18 18.53 -0.83 -17.50
CA ARG B 18 18.87 -0.19 -16.23
C ARG B 18 17.82 0.84 -15.81
N ALA B 19 17.39 0.75 -14.52
CA ALA B 19 16.39 1.60 -13.88
C ALA B 19 17.03 2.56 -12.90
N THR B 20 16.65 3.84 -12.96
CA THR B 20 17.17 4.85 -12.05
C THR B 20 15.98 5.52 -11.32
N LEU B 21 15.77 5.09 -10.05
CA LEU B 21 14.69 5.56 -9.16
C LEU B 21 15.16 6.68 -8.24
N SER B 22 14.42 7.82 -8.24
CA SER B 22 14.76 9.03 -7.48
C SER B 22 13.83 9.32 -6.30
N CYS B 23 14.43 9.56 -5.14
CA CYS B 23 13.74 9.95 -3.91
C CYS B 23 14.42 11.20 -3.34
N GLN B 24 13.64 12.26 -3.15
CA GLN B 24 14.17 13.52 -2.62
C GLN B 24 13.46 13.91 -1.32
N ALA B 25 14.24 14.22 -0.27
CA ALA B 25 13.70 14.66 1.02
C ALA B 25 13.65 16.21 1.06
N SER B 26 12.58 16.78 1.68
CA SER B 26 12.36 18.23 1.81
C SER B 26 13.50 18.89 2.61
N GLN B 27 13.95 18.20 3.67
CA GLN B 27 15.09 18.58 4.50
C GLN B 27 15.96 17.33 4.72
N SER B 28 17.25 17.54 5.05
CA SER B 28 18.20 16.46 5.27
C SER B 28 17.70 15.37 6.23
N ILE B 29 18.01 14.09 5.91
CA ILE B 29 17.67 12.87 6.67
C ILE B 29 18.91 11.96 6.85
N SER B 30 20.14 12.54 6.70
CA SER B 30 21.42 11.82 6.77
C SER B 30 21.36 10.63 5.82
N THR B 31 21.58 9.39 6.31
CA THR B 31 21.46 8.16 5.51
C THR B 31 20.35 7.23 6.05
N ALA B 32 19.36 7.80 6.77
CA ALA B 32 18.24 7.02 7.29
C ALA B 32 17.19 6.95 6.18
N LEU B 33 17.54 6.25 5.07
CA LEU B 33 16.70 6.08 3.89
C LEU B 33 16.71 4.63 3.44
N ALA B 34 15.50 4.06 3.35
CA ALA B 34 15.29 2.68 2.96
C ALA B 34 14.46 2.59 1.68
N TRP B 35 14.61 1.49 0.94
CA TRP B 35 13.91 1.24 -0.32
C TRP B 35 13.21 -0.09 -0.24
N TYR B 36 11.94 -0.11 -0.66
CA TYR B 36 11.09 -1.30 -0.63
C TYR B 36 10.53 -1.66 -2.00
N GLN B 37 10.21 -2.94 -2.21
CA GLN B 37 9.60 -3.44 -3.45
C GLN B 37 8.25 -4.02 -3.10
N GLN B 38 7.20 -3.61 -3.82
CA GLN B 38 5.88 -4.17 -3.63
C GLN B 38 5.30 -4.59 -4.96
N LYS B 39 5.00 -5.88 -5.05
CA LYS B 39 4.40 -6.57 -6.18
C LYS B 39 2.90 -6.70 -5.87
N PRO B 40 2.00 -6.68 -6.91
CA PRO B 40 0.55 -6.79 -6.65
C PRO B 40 0.09 -7.92 -5.71
N GLY B 41 -0.77 -7.57 -4.77
CA GLY B 41 -1.37 -8.49 -3.79
C GLY B 41 -0.44 -9.01 -2.72
N GLN B 42 0.77 -8.46 -2.64
CA GLN B 42 1.78 -8.81 -1.66
C GLN B 42 2.15 -7.60 -0.78
N ALA B 43 2.72 -7.92 0.40
CA ALA B 43 3.24 -6.99 1.36
C ALA B 43 4.56 -6.40 0.84
N PRO B 44 4.96 -5.16 1.20
CA PRO B 44 6.26 -4.62 0.72
C PRO B 44 7.47 -5.43 1.22
N ARG B 45 8.61 -5.29 0.53
CA ARG B 45 9.81 -6.04 0.85
C ARG B 45 11.02 -5.12 0.86
N LEU B 46 11.78 -5.11 1.96
CA LEU B 46 12.98 -4.29 2.10
C LEU B 46 14.06 -4.73 1.14
N LEU B 47 14.59 -3.75 0.41
CA LEU B 47 15.66 -3.92 -0.56
C LEU B 47 16.96 -3.37 0.02
N ILE B 48 17.04 -2.03 0.22
CA ILE B 48 18.22 -1.30 0.67
C ILE B 48 17.90 -0.47 1.90
N TYR B 49 18.67 -0.67 2.99
CA TYR B 49 18.54 0.12 4.21
C TYR B 49 19.83 0.92 4.38
N ALA B 50 19.79 1.96 5.24
CA ALA B 50 20.93 2.84 5.52
C ALA B 50 21.51 3.46 4.24
N ALA B 51 20.62 3.90 3.32
CA ALA B 51 20.85 4.53 2.00
C ALA B 51 21.57 3.65 0.96
N SER B 52 22.56 2.82 1.38
CA SER B 52 23.38 2.01 0.46
C SER B 52 23.51 0.51 0.76
N THR B 53 23.19 0.06 1.99
CA THR B 53 23.31 -1.35 2.42
C THR B 53 22.25 -2.26 1.82
N LEU B 54 22.63 -3.52 1.50
CA LEU B 54 21.73 -4.55 0.99
C LEU B 54 21.17 -5.37 2.14
N ALA B 55 19.87 -5.63 2.08
CA ALA B 55 19.16 -6.44 3.05
C ALA B 55 19.37 -7.94 2.78
N SER B 56 18.96 -8.75 3.78
CA SER B 56 18.99 -10.20 3.88
C SER B 56 18.37 -10.86 2.62
N GLY B 57 19.18 -11.68 1.95
CA GLY B 57 18.83 -12.40 0.72
C GLY B 57 18.41 -11.55 -0.47
N ILE B 58 18.94 -10.32 -0.59
CA ILE B 58 18.58 -9.43 -1.70
C ILE B 58 19.65 -9.48 -2.78
N PRO B 59 19.26 -9.76 -4.05
CA PRO B 59 20.27 -9.82 -5.14
C PRO B 59 21.03 -8.50 -5.35
N ASP B 60 22.31 -8.64 -5.76
CA ASP B 60 23.30 -7.57 -5.95
C ASP B 60 23.02 -6.56 -7.09
N ARG B 61 21.95 -6.76 -7.88
CA ARG B 61 21.62 -5.82 -8.96
C ARG B 61 20.94 -4.55 -8.43
N PHE B 62 20.49 -4.61 -7.17
CA PHE B 62 19.85 -3.50 -6.46
C PHE B 62 20.92 -2.77 -5.68
N SER B 63 21.20 -1.54 -6.10
CA SER B 63 22.21 -0.71 -5.43
C SER B 63 21.62 0.64 -5.04
N GLY B 64 21.87 1.04 -3.80
CA GLY B 64 21.43 2.32 -3.27
C GLY B 64 22.56 3.32 -3.10
N SER B 65 22.25 4.62 -3.24
CA SER B 65 23.23 5.71 -3.12
C SER B 65 22.58 7.00 -2.62
N GLY B 66 23.39 7.90 -2.05
CA GLY B 66 22.96 9.20 -1.57
C GLY B 66 23.09 9.45 -0.08
N SER B 67 22.93 10.72 0.31
CA SER B 67 23.01 11.18 1.69
C SER B 67 22.41 12.59 1.80
N GLY B 68 21.65 12.81 2.86
CA GLY B 68 20.98 14.09 3.10
C GLY B 68 19.58 14.15 2.52
N THR B 69 19.48 14.69 1.26
CA THR B 69 18.21 14.89 0.53
C THR B 69 18.08 14.07 -0.77
N ASP B 70 19.17 13.92 -1.55
CA ASP B 70 19.14 13.18 -2.81
C ASP B 70 19.49 11.72 -2.58
N PHE B 71 18.66 10.79 -3.14
CA PHE B 71 18.79 9.35 -3.01
C PHE B 71 18.39 8.63 -4.29
N THR B 72 19.12 7.58 -4.65
CA THR B 72 18.86 6.80 -5.86
C THR B 72 18.84 5.30 -5.59
N LEU B 73 17.92 4.58 -6.23
CA LEU B 73 17.86 3.12 -6.21
C LEU B 73 18.11 2.73 -7.65
N THR B 74 19.16 1.95 -7.88
CA THR B 74 19.46 1.55 -9.24
C THR B 74 19.36 0.02 -9.37
N ILE B 75 18.60 -0.44 -10.38
CA ILE B 75 18.51 -1.84 -10.82
C ILE B 75 19.26 -1.81 -12.17
N SER B 76 20.40 -2.53 -12.29
CA SER B 76 21.25 -2.52 -13.49
C SER B 76 20.83 -3.51 -14.58
N ARG B 77 20.28 -4.68 -14.21
CA ARG B 77 19.84 -5.71 -15.15
C ARG B 77 18.40 -6.12 -14.87
N LEU B 78 17.43 -5.22 -15.18
CA LEU B 78 15.99 -5.39 -14.95
C LEU B 78 15.43 -6.75 -15.34
N GLU B 79 15.22 -7.64 -14.37
CA GLU B 79 14.65 -8.95 -14.62
C GLU B 79 13.10 -8.85 -14.62
N PRO B 80 12.31 -9.89 -15.02
CA PRO B 80 10.83 -9.74 -15.04
C PRO B 80 10.19 -9.66 -13.66
N GLU B 81 10.84 -10.22 -12.62
CA GLU B 81 10.34 -10.22 -11.25
C GLU B 81 10.56 -8.85 -10.56
N ASP B 82 11.35 -7.96 -11.23
CA ASP B 82 11.67 -6.61 -10.81
C ASP B 82 10.57 -5.61 -11.16
N PHE B 83 9.71 -5.93 -12.13
CA PHE B 83 8.61 -5.05 -12.53
C PHE B 83 7.56 -5.03 -11.43
N ALA B 84 7.68 -4.00 -10.58
CA ALA B 84 6.89 -3.79 -9.39
C ALA B 84 6.81 -2.29 -9.08
N VAL B 85 6.37 -1.95 -7.86
CA VAL B 85 6.25 -0.58 -7.38
C VAL B 85 7.27 -0.44 -6.25
N TYR B 86 8.02 0.65 -6.26
CA TYR B 86 9.08 0.93 -5.29
C TYR B 86 8.80 2.16 -4.43
N TYR B 87 9.00 2.03 -3.09
CA TYR B 87 8.81 3.12 -2.12
C TYR B 87 10.06 3.35 -1.29
N CYS B 88 10.37 4.64 -1.06
CA CYS B 88 11.45 5.04 -0.18
C CYS B 88 10.86 5.37 1.21
N GLN B 89 11.65 5.21 2.27
CA GLN B 89 11.17 5.47 3.64
C GLN B 89 12.29 6.03 4.50
N GLN B 90 12.00 7.13 5.22
CA GLN B 90 13.01 7.70 6.09
C GLN B 90 12.82 7.20 7.51
N GLY B 91 13.93 6.80 8.14
CA GLY B 91 13.98 6.31 9.52
C GLY B 91 14.59 7.33 10.45
N TYR B 92 14.76 8.56 9.92
CA TYR B 92 15.38 9.71 10.55
C TYR B 92 14.61 10.28 11.77
N SER B 93 13.27 10.52 11.62
CA SER B 93 12.40 11.13 12.64
C SER B 93 10.99 10.60 12.51
N SER B 94 10.20 10.70 13.59
CA SER B 94 8.84 10.21 13.63
C SER B 94 7.88 11.21 14.25
N SER B 95 8.39 12.32 14.81
CA SER B 95 7.58 13.34 15.50
C SER B 95 6.94 14.38 14.58
N ASN B 96 5.60 14.51 14.73
CA ASN B 96 4.69 15.42 14.02
C ASN B 96 4.84 15.37 12.48
N LEU B 97 4.60 14.17 11.89
CA LEU B 97 4.70 13.95 10.44
C LEU B 97 3.45 13.31 9.88
N ASP B 98 3.18 13.57 8.60
CA ASP B 98 2.07 12.94 7.89
C ASP B 98 2.39 11.52 7.45
N ASN B 99 3.63 11.26 7.00
CA ASN B 99 4.06 9.96 6.48
C ASN B 99 5.59 9.82 6.38
N VAL B 100 6.13 8.66 6.79
CA VAL B 100 7.57 8.39 6.67
C VAL B 100 7.92 7.91 5.24
N PHE B 101 6.89 7.67 4.40
CA PHE B 101 7.03 7.17 3.02
C PHE B 101 6.90 8.18 1.92
N GLY B 102 7.50 7.84 0.77
CA GLY B 102 7.36 8.58 -0.47
C GLY B 102 6.14 8.02 -1.20
N GLY B 103 5.70 8.72 -2.24
CA GLY B 103 4.52 8.36 -3.04
C GLY B 103 4.62 7.15 -3.96
N GLY B 104 5.83 6.56 -4.07
CA GLY B 104 6.10 5.40 -4.90
C GLY B 104 6.42 5.68 -6.35
N THR B 105 7.10 4.70 -7.01
CA THR B 105 7.40 4.69 -8.44
C THR B 105 7.07 3.30 -9.00
N LYS B 106 6.20 3.22 -10.02
CA LYS B 106 5.84 1.97 -10.70
C LYS B 106 6.81 1.74 -11.86
N VAL B 107 7.44 0.56 -11.87
CA VAL B 107 8.36 0.20 -12.95
C VAL B 107 7.60 -0.79 -13.84
N GLU B 108 7.32 -0.38 -15.06
CA GLU B 108 6.55 -1.23 -15.97
C GLU B 108 7.27 -1.54 -17.30
N ILE B 109 6.93 -2.70 -17.91
CA ILE B 109 7.52 -3.19 -19.16
C ILE B 109 7.17 -2.32 -20.38
N LYS B 110 8.21 -1.87 -21.09
CA LYS B 110 8.05 -1.14 -22.34
C LYS B 110 8.02 -2.24 -23.40
N ARG B 111 7.00 -2.19 -24.27
CA ARG B 111 6.82 -3.13 -25.36
C ARG B 111 6.22 -2.39 -26.53
N THR B 112 6.05 -3.06 -27.69
CA THR B 112 5.46 -2.42 -28.85
C THR B 112 3.98 -2.10 -28.61
N VAL B 113 3.50 -1.03 -29.24
CA VAL B 113 2.10 -0.62 -29.11
C VAL B 113 1.19 -1.76 -29.63
N ALA B 114 0.15 -2.09 -28.86
CA ALA B 114 -0.81 -3.13 -29.23
C ALA B 114 -2.23 -2.58 -29.11
N ALA B 115 -3.02 -2.70 -30.19
CA ALA B 115 -4.39 -2.21 -30.16
C ALA B 115 -5.30 -3.16 -29.39
N PRO B 116 -6.31 -2.64 -28.66
CA PRO B 116 -7.22 -3.55 -27.96
C PRO B 116 -8.25 -4.20 -28.89
N SER B 117 -8.73 -5.40 -28.49
CA SER B 117 -9.83 -6.12 -29.13
C SER B 117 -11.00 -5.65 -28.25
N VAL B 118 -12.02 -5.07 -28.86
CA VAL B 118 -13.15 -4.44 -28.18
C VAL B 118 -14.35 -5.26 -28.34
N PHE B 119 -14.97 -5.62 -27.23
CA PHE B 119 -16.17 -6.43 -27.18
C PHE B 119 -17.26 -5.74 -26.37
N ILE B 120 -18.53 -5.83 -26.81
CA ILE B 120 -19.64 -5.29 -26.02
C ILE B 120 -20.54 -6.44 -25.52
N PHE B 121 -20.92 -6.37 -24.25
CA PHE B 121 -21.76 -7.38 -23.58
C PHE B 121 -23.06 -6.71 -23.12
N PRO B 122 -24.23 -7.04 -23.72
CA PRO B 122 -25.49 -6.41 -23.27
C PRO B 122 -25.92 -6.93 -21.89
N PRO B 123 -26.89 -6.27 -21.20
CA PRO B 123 -27.39 -6.86 -19.94
C PRO B 123 -28.03 -8.23 -20.17
N SER B 124 -28.12 -9.05 -19.12
CA SER B 124 -28.70 -10.39 -19.20
C SER B 124 -30.18 -10.33 -18.88
N ASP B 125 -30.93 -11.42 -19.19
CA ASP B 125 -32.37 -11.46 -18.94
C ASP B 125 -32.67 -11.48 -17.46
N GLU B 126 -31.79 -12.20 -16.72
CA GLU B 126 -31.77 -12.41 -15.26
C GLU B 126 -31.67 -11.07 -14.51
N GLN B 127 -30.66 -10.23 -14.89
CA GLN B 127 -30.43 -8.92 -14.31
C GLN B 127 -31.61 -7.97 -14.58
N LEU B 128 -32.12 -7.95 -15.81
CA LEU B 128 -33.27 -7.09 -16.17
C LEU B 128 -34.50 -7.33 -15.26
N LYS B 129 -34.80 -8.62 -14.94
CA LYS B 129 -35.87 -9.07 -14.05
C LYS B 129 -35.79 -8.43 -12.64
N SER B 130 -34.63 -7.84 -12.29
CA SER B 130 -34.36 -7.18 -11.02
C SER B 130 -34.42 -5.64 -11.10
N GLY B 131 -34.71 -5.12 -12.31
CA GLY B 131 -34.90 -3.69 -12.58
C GLY B 131 -33.66 -2.84 -12.78
N THR B 132 -32.54 -3.47 -13.18
CA THR B 132 -31.26 -2.81 -13.45
C THR B 132 -30.61 -3.37 -14.74
N ALA B 133 -29.96 -2.50 -15.51
CA ALA B 133 -29.24 -2.96 -16.69
C ALA B 133 -27.79 -2.51 -16.66
N SER B 134 -26.85 -3.48 -16.73
CA SER B 134 -25.41 -3.21 -16.83
C SER B 134 -24.91 -3.67 -18.21
N VAL B 135 -24.33 -2.71 -18.96
CA VAL B 135 -23.74 -2.85 -20.29
C VAL B 135 -22.18 -2.84 -20.09
N VAL B 136 -21.48 -3.87 -20.56
CA VAL B 136 -20.02 -3.98 -20.33
C VAL B 136 -19.22 -3.84 -21.65
N CYS B 137 -18.11 -3.10 -21.58
CA CYS B 137 -17.21 -2.95 -22.73
C CYS B 137 -15.90 -3.54 -22.28
N LEU B 138 -15.31 -4.39 -23.14
CA LEU B 138 -14.04 -5.02 -22.86
C LEU B 138 -13.04 -4.52 -23.82
N LEU B 139 -11.86 -4.12 -23.34
CA LEU B 139 -10.74 -3.69 -24.16
C LEU B 139 -9.74 -4.73 -23.81
N ASN B 140 -9.49 -5.68 -24.70
CA ASN B 140 -8.60 -6.80 -24.44
C ASN B 140 -7.19 -6.63 -24.98
N ASN B 141 -6.22 -6.87 -24.12
CA ASN B 141 -4.79 -6.93 -24.39
C ASN B 141 -4.21 -5.76 -25.23
N PHE B 142 -4.05 -4.61 -24.61
CA PHE B 142 -3.52 -3.42 -25.27
C PHE B 142 -2.25 -2.87 -24.58
N TYR B 143 -1.46 -2.11 -25.32
CA TYR B 143 -0.28 -1.42 -24.80
C TYR B 143 -0.09 -0.08 -25.54
N PRO B 144 0.11 1.10 -24.87
CA PRO B 144 0.25 1.36 -23.42
C PRO B 144 -1.08 1.42 -22.68
N ARG B 145 -1.06 1.52 -21.31
CA ARG B 145 -2.24 1.59 -20.42
C ARG B 145 -3.25 2.66 -20.83
N GLU B 146 -2.80 3.73 -21.51
CA GLU B 146 -3.64 4.84 -21.91
C GLU B 146 -4.68 4.44 -22.98
N ALA B 147 -5.96 4.48 -22.55
CA ALA B 147 -7.12 4.13 -23.37
C ALA B 147 -8.30 5.06 -23.08
N LYS B 148 -9.09 5.38 -24.11
CA LYS B 148 -10.23 6.28 -23.97
C LYS B 148 -11.55 5.59 -24.33
N VAL B 149 -12.37 5.28 -23.29
CA VAL B 149 -13.68 4.64 -23.44
C VAL B 149 -14.76 5.72 -23.43
N GLN B 150 -15.65 5.65 -24.40
CA GLN B 150 -16.77 6.57 -24.52
C GLN B 150 -18.03 5.78 -24.65
N TRP B 151 -19.02 6.02 -23.78
CA TRP B 151 -20.34 5.40 -23.86
C TRP B 151 -21.28 6.34 -24.60
N LYS B 152 -22.06 5.80 -25.55
CA LYS B 152 -23.06 6.53 -26.33
C LYS B 152 -24.35 5.74 -26.28
N VAL B 153 -25.47 6.42 -25.97
CA VAL B 153 -26.79 5.78 -25.83
C VAL B 153 -27.69 6.59 -26.74
N ASP B 154 -27.90 6.08 -27.96
CA ASP B 154 -28.61 6.66 -29.10
C ASP B 154 -27.83 7.89 -29.58
N ASN B 155 -26.50 7.68 -29.79
CA ASN B 155 -25.50 8.68 -30.20
C ASN B 155 -25.28 9.84 -29.15
N ALA B 156 -25.86 9.73 -27.93
CA ALA B 156 -25.72 10.68 -26.82
C ALA B 156 -24.67 10.22 -25.85
N LEU B 157 -23.50 10.91 -25.84
CA LEU B 157 -22.38 10.61 -24.98
C LEU B 157 -22.75 10.72 -23.49
N GLN B 158 -22.55 9.62 -22.78
CA GLN B 158 -22.87 9.51 -21.36
C GLN B 158 -21.75 10.03 -20.50
N SER B 159 -22.12 10.43 -19.25
CA SER B 159 -21.21 10.87 -18.19
C SER B 159 -21.74 10.53 -16.77
N GLY B 160 -20.82 10.01 -15.92
CA GLY B 160 -21.07 9.68 -14.52
C GLY B 160 -21.90 8.46 -14.20
N ASN B 161 -22.20 7.61 -15.22
CA ASN B 161 -22.99 6.39 -15.04
C ASN B 161 -22.21 5.11 -15.41
N SER B 162 -20.87 5.20 -15.37
CA SER B 162 -19.95 4.11 -15.66
C SER B 162 -18.74 4.11 -14.76
N GLN B 163 -18.17 2.92 -14.58
CA GLN B 163 -16.95 2.76 -13.80
C GLN B 163 -16.05 1.82 -14.58
N GLU B 164 -14.74 2.01 -14.51
CA GLU B 164 -13.79 1.18 -15.21
C GLU B 164 -12.72 0.61 -14.28
N SER B 165 -12.23 -0.59 -14.65
CA SER B 165 -11.18 -1.43 -14.06
C SER B 165 -10.22 -1.74 -15.18
N VAL B 166 -8.94 -1.90 -14.81
CA VAL B 166 -7.79 -2.17 -15.70
C VAL B 166 -6.98 -3.19 -14.94
N THR B 167 -6.53 -4.21 -15.63
CA THR B 167 -5.77 -5.27 -14.99
C THR B 167 -4.30 -4.87 -14.85
N GLU B 168 -3.51 -5.70 -14.16
CA GLU B 168 -2.06 -5.55 -14.00
C GLU B 168 -1.44 -5.95 -15.33
N GLN B 169 -0.19 -5.58 -15.56
CA GLN B 169 0.45 -5.97 -16.81
C GLN B 169 0.50 -7.50 -16.90
N ASP B 170 0.12 -8.08 -18.07
CA ASP B 170 0.12 -9.54 -18.23
C ASP B 170 1.54 -10.06 -18.13
N SER B 171 1.71 -11.17 -17.38
CA SER B 171 3.01 -11.81 -17.16
C SER B 171 3.57 -12.48 -18.41
N LYS B 172 2.76 -12.62 -19.46
CA LYS B 172 3.23 -13.29 -20.66
C LYS B 172 3.36 -12.34 -21.87
N ASP B 173 2.53 -11.29 -21.98
CA ASP B 173 2.65 -10.44 -23.15
C ASP B 173 2.78 -8.94 -22.84
N SER B 174 2.71 -8.57 -21.54
CA SER B 174 2.89 -7.20 -21.01
C SER B 174 1.80 -6.20 -21.46
N THR B 175 0.58 -6.73 -21.65
CA THR B 175 -0.58 -5.94 -22.06
C THR B 175 -1.45 -5.64 -20.86
N TYR B 176 -2.47 -4.81 -21.07
CA TYR B 176 -3.43 -4.44 -20.04
C TYR B 176 -4.76 -4.77 -20.65
N SER B 177 -5.76 -5.00 -19.81
CA SER B 177 -7.11 -5.19 -20.34
C SER B 177 -7.96 -4.17 -19.62
N LEU B 178 -9.11 -3.82 -20.14
CA LEU B 178 -9.93 -2.84 -19.47
C LEU B 178 -11.39 -3.21 -19.59
N SER B 179 -12.11 -3.15 -18.43
CA SER B 179 -13.54 -3.37 -18.30
C SER B 179 -14.13 -2.02 -17.94
N SER B 180 -15.26 -1.67 -18.58
CA SER B 180 -16.01 -0.46 -18.35
C SER B 180 -17.47 -0.87 -18.27
N THR B 181 -18.15 -0.52 -17.17
CA THR B 181 -19.53 -0.87 -16.94
C THR B 181 -20.42 0.33 -16.92
N LEU B 182 -21.49 0.31 -17.73
CA LEU B 182 -22.52 1.32 -17.81
C LEU B 182 -23.74 0.80 -17.07
N THR B 183 -24.17 1.52 -16.05
CA THR B 183 -25.32 1.10 -15.26
C THR B 183 -26.47 2.05 -15.49
N LEU B 184 -27.69 1.49 -15.55
CA LEU B 184 -28.95 2.17 -15.77
C LEU B 184 -30.06 1.35 -15.12
N SER B 185 -31.26 1.95 -15.08
CA SER B 185 -32.47 1.28 -14.59
C SER B 185 -33.01 0.50 -15.79
N LYS B 186 -33.87 -0.54 -15.57
CA LYS B 186 -34.51 -1.28 -16.67
C LYS B 186 -35.35 -0.26 -17.49
N ALA B 187 -35.96 0.75 -16.81
CA ALA B 187 -36.78 1.80 -17.43
C ALA B 187 -36.03 2.65 -18.45
N ASP B 188 -34.83 3.15 -18.09
CA ASP B 188 -33.98 3.98 -18.94
C ASP B 188 -33.37 3.15 -20.04
N TYR B 189 -33.04 1.89 -19.70
CA TYR B 189 -32.50 0.96 -20.68
C TYR B 189 -33.48 0.77 -21.87
N GLU B 190 -34.78 0.63 -21.58
CA GLU B 190 -35.83 0.41 -22.58
C GLU B 190 -36.35 1.69 -23.26
N LYS B 191 -35.77 2.86 -22.95
CA LYS B 191 -36.13 4.14 -23.56
C LYS B 191 -35.33 4.35 -24.86
N HIS B 192 -34.15 3.72 -24.93
CA HIS B 192 -33.18 3.82 -26.01
C HIS B 192 -32.95 2.48 -26.72
N LYS B 193 -32.54 2.56 -27.97
CA LYS B 193 -32.30 1.45 -28.89
C LYS B 193 -30.82 1.10 -29.07
N VAL B 194 -29.93 2.07 -29.31
CA VAL B 194 -28.50 1.82 -29.59
C VAL B 194 -27.60 2.07 -28.38
N TYR B 195 -26.71 1.11 -28.11
CA TYR B 195 -25.74 1.08 -27.02
C TYR B 195 -24.40 0.82 -27.62
N ALA B 196 -23.46 1.74 -27.36
CA ALA B 196 -22.15 1.66 -27.96
C ALA B 196 -21.03 2.14 -27.10
N CYS B 197 -19.85 1.53 -27.26
CA CYS B 197 -18.62 2.00 -26.62
C CYS B 197 -17.53 2.27 -27.67
N GLU B 198 -17.19 3.55 -27.79
CA GLU B 198 -16.21 4.14 -28.69
C GLU B 198 -14.88 4.13 -27.97
N VAL B 199 -13.86 3.53 -28.57
CA VAL B 199 -12.55 3.41 -27.93
C VAL B 199 -11.47 4.05 -28.79
N THR B 200 -10.77 5.01 -28.22
CA THR B 200 -9.60 5.66 -28.79
C THR B 200 -8.36 5.10 -28.04
N HIS B 201 -7.37 4.63 -28.82
CA HIS B 201 -6.11 4.07 -28.30
CA HIS B 201 -6.11 4.08 -28.29
C HIS B 201 -5.02 4.36 -29.30
N GLN B 202 -3.76 4.46 -28.84
CA GLN B 202 -2.55 4.69 -29.62
C GLN B 202 -2.46 3.71 -30.85
N GLY B 203 -2.72 2.43 -30.59
CA GLY B 203 -2.72 1.31 -31.53
C GLY B 203 -3.89 1.30 -32.50
N LEU B 204 -4.85 2.21 -32.29
CA LEU B 204 -6.01 2.40 -33.16
C LEU B 204 -5.81 3.69 -33.99
N SER B 205 -5.77 3.50 -35.33
CA SER B 205 -5.63 4.51 -36.39
C SER B 205 -6.80 5.50 -36.37
N SER B 206 -7.98 5.03 -35.96
CA SER B 206 -9.22 5.81 -35.78
C SER B 206 -10.04 5.17 -34.61
N PRO B 207 -10.87 5.93 -33.84
CA PRO B 207 -11.61 5.29 -32.73
C PRO B 207 -12.57 4.19 -33.19
N VAL B 208 -12.59 3.07 -32.43
CA VAL B 208 -13.37 1.87 -32.71
C VAL B 208 -14.64 1.84 -31.88
N THR B 209 -15.80 1.72 -32.54
CA THR B 209 -17.11 1.58 -31.94
C THR B 209 -17.66 0.17 -32.11
N LYS B 210 -18.02 -0.46 -30.99
CA LYS B 210 -18.71 -1.76 -30.94
C LYS B 210 -20.09 -1.42 -30.44
N SER B 211 -21.12 -2.04 -30.99
CA SER B 211 -22.48 -1.72 -30.60
C SER B 211 -23.47 -2.85 -30.75
N PHE B 212 -24.65 -2.67 -30.13
CA PHE B 212 -25.82 -3.53 -30.25
C PHE B 212 -27.08 -2.65 -30.18
N ASN B 213 -28.19 -3.18 -30.67
CA ASN B 213 -29.50 -2.55 -30.63
C ASN B 213 -30.30 -3.43 -29.74
N ARG B 214 -30.73 -2.87 -28.59
CA ARG B 214 -31.50 -3.49 -27.52
C ARG B 214 -32.69 -4.27 -28.07
N GLY B 215 -32.86 -5.49 -27.57
CA GLY B 215 -33.95 -6.37 -27.99
C GLY B 215 -33.64 -7.21 -29.22
N GLU B 216 -32.97 -6.57 -30.23
CA GLU B 216 -32.49 -7.14 -31.49
C GLU B 216 -31.23 -7.97 -31.17
N CYS B 217 -31.35 -8.95 -30.25
CA CYS B 217 -30.25 -9.78 -29.74
C CYS B 217 -30.56 -11.28 -29.74
N SER C 3 28.25 22.30 7.35
CA SER C 3 29.13 21.37 6.65
C SER C 3 28.73 19.89 6.82
N CYS C 4 27.93 19.57 7.88
CA CYS C 4 27.42 18.22 8.21
C CYS C 4 26.08 18.29 8.98
N ASP C 5 25.42 17.11 9.13
CA ASP C 5 24.15 16.97 9.86
C ASP C 5 24.40 16.84 11.35
N VAL C 6 23.44 17.32 12.16
CA VAL C 6 23.44 17.19 13.62
C VAL C 6 23.13 15.71 13.94
N GLN C 7 23.87 15.12 14.88
CA GLN C 7 23.75 13.71 15.25
C GLN C 7 23.91 13.53 16.77
N LEU C 8 23.08 12.64 17.38
CA LEU C 8 23.12 12.34 18.80
C LEU C 8 23.57 10.89 18.97
N TYR C 9 24.77 10.69 19.54
CA TYR C 9 25.43 9.38 19.62
C TYR C 9 25.39 8.67 21.00
N ILE C 10 24.19 8.53 21.58
CA ILE C 10 24.05 7.72 22.80
C ILE C 10 23.99 6.31 22.25
N LYS C 11 24.80 5.41 22.80
CA LYS C 11 24.88 4.02 22.41
C LYS C 11 23.65 3.25 22.90
N ARG C 12 23.24 2.25 22.12
CA ARG C 12 22.10 1.38 22.41
C ARG C 12 22.50 0.44 23.54
N GLN C 13 21.61 0.31 24.55
CA GLN C 13 21.74 -0.51 25.77
C GLN C 13 22.65 0.11 26.86
N SER C 14 22.98 1.41 26.74
CA SER C 14 23.78 2.16 27.70
C SER C 14 23.16 2.05 29.09
N GLU C 15 23.98 1.72 30.10
CA GLU C 15 23.51 1.61 31.48
C GLU C 15 24.56 1.99 32.51
N HIS C 16 24.13 2.73 33.52
CA HIS C 16 24.97 3.20 34.62
C HIS C 16 24.29 2.83 35.91
N SER C 17 24.94 2.00 36.76
CA SER C 17 24.43 1.57 38.07
C SER C 17 25.13 2.40 39.15
N ILE C 18 24.39 3.36 39.74
CA ILE C 18 24.93 4.29 40.75
C ILE C 18 24.17 4.27 42.09
N LEU C 19 24.85 4.66 43.19
CA LEU C 19 24.27 4.73 44.54
C LEU C 19 23.73 6.12 44.83
N ALA C 20 22.58 6.20 45.52
CA ALA C 20 21.91 7.46 45.85
C ALA C 20 22.69 8.28 46.89
N GLY C 21 22.72 9.59 46.68
CA GLY C 21 23.43 10.53 47.54
C GLY C 21 24.73 11.01 46.93
N ASP C 22 25.21 10.26 45.91
CA ASP C 22 26.44 10.53 45.15
C ASP C 22 26.11 11.45 43.94
N PRO C 23 27.07 12.22 43.39
CA PRO C 23 26.74 13.02 42.20
C PRO C 23 26.88 12.19 40.91
N PHE C 24 26.26 12.66 39.81
CA PHE C 24 26.32 12.02 38.49
C PHE C 24 26.13 13.01 37.34
N GLU C 25 26.79 12.73 36.21
CA GLU C 25 26.72 13.50 34.97
C GLU C 25 26.34 12.55 33.82
N LEU C 26 25.11 12.70 33.25
CA LEU C 26 24.63 11.85 32.15
C LEU C 26 24.98 12.46 30.78
N GLU C 27 25.72 11.70 29.97
CA GLU C 27 26.24 12.16 28.69
C GLU C 27 25.34 11.96 27.47
N CYS C 28 25.37 12.95 26.55
CA CYS C 28 24.65 12.97 25.28
C CYS C 28 25.65 13.47 24.23
N PRO C 29 26.32 12.53 23.53
CA PRO C 29 27.30 12.94 22.50
C PRO C 29 26.60 13.62 21.33
N VAL C 30 26.85 14.92 21.17
CA VAL C 30 26.24 15.74 20.13
C VAL C 30 27.31 16.07 19.10
N LYS C 31 27.02 15.81 17.82
CA LYS C 31 27.89 16.13 16.70
C LYS C 31 27.25 17.29 15.97
N TYR C 32 28.05 18.30 15.62
CA TYR C 32 27.62 19.52 14.93
C TYR C 32 28.78 20.12 14.12
N CYS C 33 28.44 20.77 13.00
CA CYS C 33 29.42 21.44 12.11
C CYS C 33 29.02 22.91 11.92
N ALA C 34 27.76 23.24 12.24
CA ALA C 34 27.20 24.59 12.17
C ALA C 34 27.27 25.22 13.58
N ASN C 35 26.41 26.22 13.88
CA ASN C 35 26.31 26.86 15.19
C ASN C 35 25.59 25.86 16.11
N ARG C 36 26.16 25.58 17.32
CA ARG C 36 25.66 24.63 18.34
C ARG C 36 24.12 24.42 18.32
N PRO C 37 23.65 23.16 18.13
CA PRO C 37 22.20 22.91 18.04
C PRO C 37 21.50 22.80 19.38
N HIS C 38 20.22 23.19 19.43
CA HIS C 38 19.45 23.10 20.66
C HIS C 38 19.10 21.67 20.98
N VAL C 39 19.67 21.18 22.11
CA VAL C 39 19.51 19.83 22.65
C VAL C 39 18.76 19.95 23.99
N THR C 40 17.90 18.96 24.31
CA THR C 40 17.11 18.86 25.53
C THR C 40 17.12 17.41 26.06
N TRP C 41 16.66 17.19 27.30
CA TRP C 41 16.60 15.85 27.91
C TRP C 41 15.16 15.55 28.28
N CYS C 42 14.81 14.24 28.27
CA CYS C 42 13.51 13.70 28.68
C CYS C 42 13.72 12.40 29.45
N LYS C 43 12.65 11.87 30.08
CA LYS C 43 12.69 10.59 30.80
C LYS C 43 11.49 9.74 30.34
N LEU C 44 11.72 8.45 30.00
CA LEU C 44 10.66 7.54 29.56
C LEU C 44 9.67 7.25 30.70
N ASN C 45 8.36 7.52 30.46
CA ASN C 45 7.24 7.21 31.37
C ASN C 45 6.13 6.65 30.51
N GLY C 46 6.12 5.32 30.39
CA GLY C 46 5.19 4.57 29.57
C GLY C 46 5.48 4.71 28.09
N THR C 47 4.49 5.23 27.33
CA THR C 47 4.52 5.43 25.89
C THR C 47 5.07 6.81 25.46
N THR C 48 5.36 7.68 26.44
CA THR C 48 5.91 9.02 26.16
C THR C 48 7.20 9.32 26.92
N CYS C 49 8.02 10.21 26.37
CA CYS C 49 9.25 10.68 26.99
C CYS C 49 8.98 12.09 27.53
N VAL C 50 8.74 12.15 28.86
CA VAL C 50 8.44 13.33 29.67
C VAL C 50 9.64 14.31 29.68
N LYS C 51 9.48 15.44 28.98
CA LYS C 51 10.51 16.48 28.88
C LYS C 51 10.84 17.09 30.26
N LEU C 52 12.12 17.01 30.65
CA LEU C 52 12.62 17.51 31.93
C LEU C 52 12.83 19.04 31.91
N GLU C 53 12.29 19.73 32.93
CA GLU C 53 12.37 21.19 33.09
C GLU C 53 13.26 21.62 34.26
N ASP C 54 13.83 22.84 34.11
CA ASP C 54 14.73 23.55 35.02
C ASP C 54 15.75 22.63 35.70
N ARG C 55 16.75 22.22 34.91
CA ARG C 55 17.82 21.32 35.37
C ARG C 55 19.20 21.91 35.05
N GLN C 56 20.22 21.45 35.78
CA GLN C 56 21.60 21.91 35.56
C GLN C 56 22.20 21.06 34.44
N THR C 57 22.57 21.74 33.35
CA THR C 57 23.10 21.14 32.13
C THR C 57 24.33 21.87 31.65
N SER C 58 25.24 21.15 30.98
CA SER C 58 26.46 21.78 30.49
C SER C 58 26.98 21.19 29.20
N TRP C 59 27.62 22.07 28.44
CA TRP C 59 28.29 21.75 27.20
C TRP C 59 29.76 21.51 27.50
N LYS C 60 30.32 20.42 26.94
CA LYS C 60 31.71 20.04 27.13
C LYS C 60 32.33 19.73 25.75
N GLU C 61 32.83 20.78 25.07
CA GLU C 61 33.43 20.70 23.74
C GLU C 61 34.73 19.88 23.73
N GLU C 62 34.82 18.92 22.78
CA GLU C 62 35.98 18.05 22.57
C GLU C 62 36.48 18.22 21.13
N LYS C 63 37.30 17.28 20.60
CA LYS C 63 37.86 17.37 19.23
C LYS C 63 36.78 17.32 18.14
N ASN C 64 36.49 16.14 17.55
CA ASN C 64 35.48 16.00 16.49
C ASN C 64 34.05 16.02 17.06
N ILE C 65 33.92 15.64 18.35
CA ILE C 65 32.66 15.53 19.10
C ILE C 65 32.50 16.65 20.16
N SER C 66 31.31 16.75 20.75
CA SER C 66 30.93 17.67 21.82
C SER C 66 29.90 16.92 22.71
N PHE C 67 29.71 17.33 23.97
CA PHE C 67 28.78 16.62 24.85
C PHE C 67 27.85 17.52 25.64
N PHE C 68 26.55 17.17 25.65
CA PHE C 68 25.52 17.84 26.44
C PHE C 68 25.26 16.97 27.66
N ILE C 69 25.43 17.55 28.86
CA ILE C 69 25.35 16.76 30.07
C ILE C 69 24.24 17.20 31.00
N LEU C 70 23.56 16.22 31.61
CA LEU C 70 22.52 16.43 32.61
C LEU C 70 23.17 16.15 33.97
N HIS C 71 23.10 17.13 34.89
CA HIS C 71 23.73 17.03 36.21
C HIS C 71 22.78 16.61 37.33
N PHE C 72 23.12 15.52 38.01
CA PHE C 72 22.39 14.97 39.16
C PHE C 72 23.19 15.33 40.41
N GLU C 73 22.85 16.48 41.04
CA GLU C 73 23.57 17.01 42.21
C GLU C 73 22.72 17.03 43.52
N PRO C 74 22.59 15.90 44.26
CA PRO C 74 23.11 14.54 44.01
C PRO C 74 22.11 13.66 43.25
N VAL C 75 22.32 12.33 43.26
CA VAL C 75 21.37 11.43 42.63
C VAL C 75 20.42 10.87 43.71
N LEU C 76 19.11 10.97 43.44
CA LEU C 76 18.02 10.55 44.34
C LEU C 76 17.51 9.13 43.95
N PRO C 77 16.80 8.39 44.85
CA PRO C 77 16.29 7.06 44.45
C PRO C 77 15.17 7.13 43.42
N ASN C 78 14.43 8.26 43.41
CA ASN C 78 13.32 8.55 42.50
C ASN C 78 13.82 9.10 41.14
N ASP C 79 15.02 8.63 40.70
CA ASP C 79 15.68 8.95 39.43
C ASP C 79 15.95 7.66 38.59
N ASN C 80 15.60 6.48 39.15
CA ASN C 80 15.70 5.16 38.52
C ASN C 80 14.74 5.11 37.32
N GLY C 81 15.31 5.02 36.13
CA GLY C 81 14.57 4.96 34.88
C GLY C 81 15.47 5.04 33.68
N SER C 82 14.85 5.19 32.49
CA SER C 82 15.55 5.32 31.23
C SER C 82 15.36 6.75 30.72
N TYR C 83 16.45 7.37 30.32
CA TYR C 83 16.50 8.76 29.87
C TYR C 83 16.90 8.85 28.41
N ARG C 84 16.66 10.01 27.80
CA ARG C 84 16.99 10.27 26.42
C ARG C 84 17.18 11.76 26.19
N CYS C 85 17.98 12.11 25.17
CA CYS C 85 18.16 13.49 24.73
C CYS C 85 17.58 13.63 23.33
N SER C 86 17.00 14.79 23.05
CA SER C 86 16.38 15.09 21.77
C SER C 86 16.91 16.42 21.22
N ALA C 87 16.87 16.60 19.90
CA ALA C 87 17.33 17.84 19.26
C ALA C 87 16.33 18.37 18.24
N ASN C 88 15.91 19.62 18.42
CA ASN C 88 14.98 20.29 17.52
C ASN C 88 15.74 21.37 16.79
N PHE C 89 15.93 21.21 15.47
CA PHE C 89 16.66 22.24 14.74
C PHE C 89 15.93 22.67 13.46
N GLN C 90 15.92 21.84 12.39
CA GLN C 90 15.29 22.19 11.12
C GLN C 90 13.76 21.98 11.11
N SER C 91 13.10 22.29 12.27
CA SER C 91 11.67 22.23 12.61
C SER C 91 11.14 20.80 12.85
N ASN C 92 12.05 19.87 13.26
CA ASN C 92 11.69 18.49 13.61
CA ASN C 92 11.72 18.47 13.56
C ASN C 92 12.51 17.98 14.78
N LEU C 93 11.96 16.98 15.51
CA LEU C 93 12.61 16.40 16.68
C LEU C 93 13.35 15.11 16.32
N ILE C 94 14.67 15.07 16.60
CA ILE C 94 15.52 13.90 16.39
C ILE C 94 15.93 13.38 17.77
N GLU C 95 15.72 12.10 18.01
CA GLU C 95 15.99 11.49 19.30
C GLU C 95 17.22 10.61 19.26
N SER C 96 17.77 10.31 20.43
CA SER C 96 18.94 9.46 20.61
C SER C 96 18.47 8.11 21.14
N HIS C 97 19.37 7.12 21.27
CA HIS C 97 19.02 5.85 21.88
C HIS C 97 18.81 6.15 23.38
N SER C 98 17.97 5.37 24.07
CA SER C 98 17.70 5.58 25.49
C SER C 98 18.80 4.95 26.35
N THR C 99 19.21 5.69 27.40
CA THR C 99 20.21 5.30 28.38
C THR C 99 19.53 5.05 29.73
N THR C 100 19.75 3.86 30.32
CA THR C 100 19.15 3.47 31.59
C THR C 100 20.04 3.81 32.78
N LEU C 101 19.40 4.29 33.86
CA LEU C 101 20.01 4.66 35.13
C LEU C 101 19.45 3.77 36.24
N TYR C 102 20.33 2.96 36.85
CA TYR C 102 20.00 2.06 37.95
C TYR C 102 20.45 2.71 39.26
N VAL C 103 19.49 2.99 40.17
CA VAL C 103 19.79 3.60 41.46
C VAL C 103 19.51 2.57 42.55
#